data_6MYI
#
_entry.id   6MYI
#
_cell.length_a   46.430
_cell.length_b   100.335
_cell.length_c   59.018
_cell.angle_alpha   90.000
_cell.angle_beta   106.430
_cell.angle_gamma   90.000
#
_symmetry.space_group_name_H-M   'P 1 21 1'
#
loop_
_entity.id
_entity.type
_entity.pdbx_description
1 polymer 'Ostreolysin A6'
2 non-polymer 'SODIUM ION'
3 non-polymer 1,2-ETHANEDIOL
4 water water
#
_entity_poly.entity_id   1
_entity_poly.type   'polypeptide(L)'
_entity_poly.pdbx_seq_one_letter_code
;GMAYAQWVIIIIHNVGSQDVKIKNLKASWGKLHADGDKDAEVSASNYEGKIVKPDEKLQINASGRSDAAEGTTGTFDLVD
PADGDKQVRHFYWDSPWGSKTNTWTVSGSNTKWMIEYSGQNLDSGALGTITVDTLKKGN
;
_entity_poly.pdbx_strand_id   A,B,C,D
#
loop_
_chem_comp.id
_chem_comp.type
_chem_comp.name
_chem_comp.formula
EDO non-polymer 1,2-ETHANEDIOL 'C2 H6 O2'
NA non-polymer 'SODIUM ION' 'Na 1'
#
# COMPACT_ATOMS: atom_id res chain seq x y z
N ALA A 3 17.45 13.01 4.25
CA ALA A 3 17.34 14.14 5.17
C ALA A 3 15.92 14.68 5.17
N TYR A 4 14.95 13.86 5.55
CA TYR A 4 13.57 14.32 5.67
C TYR A 4 12.90 13.55 6.79
N ALA A 5 11.63 13.88 7.04
CA ALA A 5 10.91 13.28 8.15
C ALA A 5 10.74 11.79 7.95
N GLN A 6 10.98 11.04 9.00
CA GLN A 6 10.91 9.59 8.95
C GLN A 6 9.62 9.11 9.57
N TRP A 7 9.02 8.09 8.95
CA TRP A 7 7.77 7.53 9.41
C TRP A 7 7.58 6.18 8.77
N VAL A 8 6.75 5.38 9.43
CA VAL A 8 6.27 4.10 8.94
C VAL A 8 4.80 3.98 9.31
N ILE A 9 4.06 3.28 8.47
CA ILE A 9 2.72 2.82 8.78
C ILE A 9 2.75 1.32 8.51
N ILE A 10 2.34 0.53 9.49
CA ILE A 10 2.28 -0.92 9.37
C ILE A 10 0.83 -1.31 9.48
N ILE A 11 0.32 -1.95 8.44
CA ILE A 11 -1.07 -2.38 8.39
C ILE A 11 -1.08 -3.90 8.44
N ILE A 12 -1.61 -4.46 9.52
CA ILE A 12 -1.74 -5.90 9.65
CA ILE A 12 -1.76 -5.89 9.71
C ILE A 12 -3.14 -6.27 9.19
N HIS A 13 -3.21 -7.06 8.13
CA HIS A 13 -4.46 -7.49 7.53
C HIS A 13 -4.59 -8.99 7.72
N ASN A 14 -5.55 -9.42 8.52
CA ASN A 14 -5.76 -10.84 8.73
C ASN A 14 -6.64 -11.37 7.61
N VAL A 15 -6.02 -12.03 6.63
CA VAL A 15 -6.68 -12.54 5.47
C VAL A 15 -7.08 -14.00 5.61
N GLY A 16 -6.80 -14.60 6.77
CA GLY A 16 -7.22 -15.95 7.07
C GLY A 16 -8.46 -15.98 7.93
N SER A 17 -8.71 -17.15 8.50
CA SER A 17 -9.93 -17.38 9.25
C SER A 17 -9.72 -17.46 10.74
N GLN A 18 -8.49 -17.24 11.22
CA GLN A 18 -8.14 -17.45 12.61
C GLN A 18 -7.49 -16.20 13.17
N ASP A 19 -7.89 -15.83 14.38
CA ASP A 19 -7.40 -14.62 15.04
C ASP A 19 -5.87 -14.62 15.14
N VAL A 20 -5.28 -13.44 15.06
CA VAL A 20 -3.87 -13.23 15.35
C VAL A 20 -3.81 -12.08 16.36
N LYS A 21 -2.74 -12.01 17.13
CA LYS A 21 -2.63 -11.09 18.27
C LYS A 21 -1.29 -10.36 18.23
N ILE A 22 -1.30 -9.05 18.55
CA ILE A 22 -0.09 -8.28 18.60
CA ILE A 22 -0.13 -8.18 18.64
C ILE A 22 0.43 -8.22 20.04
N LYS A 23 1.75 -8.36 20.19
CA LYS A 23 2.42 -8.32 21.47
C LYS A 23 3.75 -7.59 21.33
N ASN A 24 4.18 -7.01 22.45
CA ASN A 24 5.51 -6.46 22.59
C ASN A 24 5.79 -5.35 21.59
N LEU A 25 4.82 -4.49 21.37
CA LEU A 25 5.04 -3.34 20.48
C LEU A 25 5.85 -2.28 21.20
N LYS A 26 7.00 -1.93 20.63
CA LYS A 26 7.88 -0.95 21.25
CA LYS A 26 7.88 -0.95 21.25
C LYS A 26 8.66 -0.20 20.19
N ALA A 27 8.53 1.12 20.20
CA ALA A 27 9.40 2.00 19.42
C ALA A 27 10.61 2.34 20.26
N SER A 28 11.78 1.96 19.79
CA SER A 28 13.04 2.32 20.43
C SER A 28 13.54 3.70 20.03
N TRP A 29 13.16 4.18 18.87
CA TRP A 29 13.43 5.54 18.43
C TRP A 29 12.16 6.08 17.82
N GLY A 30 11.86 7.31 18.10
CA GLY A 30 10.63 7.90 17.65
C GLY A 30 9.50 7.48 18.56
N LYS A 31 8.28 7.65 18.08
CA LYS A 31 7.13 7.32 18.89
C LYS A 31 5.97 6.84 18.04
N LEU A 32 5.10 6.05 18.66
CA LEU A 32 3.82 5.67 18.07
C LEU A 32 2.89 6.86 18.08
N HIS A 33 2.07 6.99 17.04
CA HIS A 33 1.21 8.15 16.92
C HIS A 33 -0.13 7.75 16.32
N ALA A 34 -1.09 8.67 16.43
CA ALA A 34 -2.44 8.42 15.93
C ALA A 34 -2.49 8.46 14.40
N ASP A 35 -3.49 7.80 13.85
CA ASP A 35 -3.65 7.77 12.40
C ASP A 35 -3.69 9.20 11.87
N GLY A 36 -2.89 9.48 10.86
CA GLY A 36 -2.92 10.77 10.20
C GLY A 36 -2.44 11.94 11.03
N ASP A 37 -1.73 11.74 12.15
CA ASP A 37 -1.12 12.88 12.85
C ASP A 37 0.21 12.46 13.50
N LYS A 38 1.31 12.71 12.78
CA LYS A 38 2.63 12.21 13.14
C LYS A 38 3.17 12.80 14.44
N ASP A 39 2.57 13.88 14.92
CA ASP A 39 2.95 14.53 16.17
C ASP A 39 2.08 14.12 17.35
N ALA A 40 1.02 13.34 17.13
CA ALA A 40 0.07 13.02 18.22
C ALA A 40 0.40 11.64 18.79
N GLU A 41 1.18 11.64 19.84
CA GLU A 41 1.69 10.40 20.39
C GLU A 41 0.57 9.59 21.02
N VAL A 42 0.64 8.26 20.86
CA VAL A 42 -0.28 7.33 21.51
C VAL A 42 0.50 6.29 22.28
N SER A 43 -0.14 5.69 23.27
CA SER A 43 0.48 4.63 24.06
C SER A 43 0.48 3.33 23.27
N ALA A 44 1.53 2.55 23.49
CA ALA A 44 1.58 1.20 22.98
C ALA A 44 0.46 0.34 23.53
N SER A 45 -0.07 0.69 24.70
CA SER A 45 -1.16 -0.07 25.26
C SER A 45 -2.44 0.05 24.44
N ASN A 46 -2.53 0.99 23.51
CA ASN A 46 -3.64 1.00 22.56
C ASN A 46 -3.65 -0.24 21.71
N TYR A 47 -2.50 -0.88 21.53
CA TYR A 47 -2.32 -2.01 20.65
C TYR A 47 -1.91 -3.28 21.37
N GLU A 48 -1.28 -3.17 22.53
CA GLU A 48 -0.68 -4.31 23.18
C GLU A 48 -1.74 -5.35 23.53
N GLY A 49 -1.57 -6.58 23.04
CA GLY A 49 -2.49 -7.65 23.27
C GLY A 49 -3.74 -7.64 22.41
N LYS A 50 -3.86 -6.72 21.47
CA LYS A 50 -5.05 -6.62 20.63
C LYS A 50 -5.11 -7.77 19.63
N ILE A 51 -6.32 -8.24 19.42
CA ILE A 51 -6.61 -9.27 18.42
C ILE A 51 -7.00 -8.62 17.11
N VAL A 52 -6.47 -9.14 16.03
CA VAL A 52 -6.90 -8.81 14.67
C VAL A 52 -7.74 -9.98 14.19
N LYS A 53 -9.03 -9.77 14.05
CA LYS A 53 -9.95 -10.82 13.65
C LYS A 53 -9.91 -11.04 12.15
N PRO A 54 -10.48 -12.14 11.67
CA PRO A 54 -10.51 -12.37 10.23
C PRO A 54 -11.10 -11.20 9.48
N ASP A 55 -10.44 -10.82 8.40
CA ASP A 55 -10.79 -9.72 7.50
C ASP A 55 -10.60 -8.34 8.09
N GLU A 56 -10.10 -8.21 9.29
CA GLU A 56 -9.82 -6.93 9.89
C GLU A 56 -8.41 -6.48 9.58
N LYS A 57 -8.23 -5.18 9.69
CA LYS A 57 -6.93 -4.53 9.65
C LYS A 57 -6.67 -3.84 10.97
N LEU A 58 -5.41 -3.81 11.37
CA LEU A 58 -4.95 -2.98 12.48
C LEU A 58 -3.77 -2.16 11.97
N GLN A 59 -3.84 -0.85 12.13
CA GLN A 59 -2.85 0.09 11.65
C GLN A 59 -2.01 0.61 12.80
N ILE A 60 -0.70 0.53 12.66
CA ILE A 60 0.26 1.07 13.61
C ILE A 60 1.02 2.16 12.88
N ASN A 61 1.20 3.32 13.51
CA ASN A 61 1.92 4.44 12.90
C ASN A 61 3.06 4.83 13.83
N ALA A 62 4.26 5.04 13.29
CA ALA A 62 5.37 5.53 14.09
C ALA A 62 6.13 6.60 13.32
N SER A 63 6.66 7.59 14.02
CA SER A 63 7.38 8.69 13.39
C SER A 63 8.56 9.08 14.26
N GLY A 64 9.52 9.70 13.62
CA GLY A 64 10.66 10.26 14.32
C GLY A 64 10.39 11.64 14.78
N ARG A 65 11.29 12.13 15.61
CA ARG A 65 11.31 13.54 16.01
C ARG A 65 11.92 14.34 14.86
N SER A 66 11.07 14.89 14.00
CA SER A 66 11.55 15.45 12.73
C SER A 66 12.32 16.76 12.90
N ASP A 67 12.20 17.44 14.03
CA ASP A 67 12.97 18.64 14.28
C ASP A 67 14.27 18.37 15.04
N ALA A 68 14.60 17.09 15.28
CA ALA A 68 15.84 16.71 15.92
C ALA A 68 16.58 15.67 15.10
N ALA A 69 16.29 15.62 13.81
CA ALA A 69 17.03 14.76 12.91
C ALA A 69 17.03 13.32 13.41
N GLU A 70 15.86 12.85 13.84
CA GLU A 70 15.73 11.52 14.41
C GLU A 70 14.78 10.68 13.59
N GLY A 71 15.17 9.45 13.40
CA GLY A 71 14.33 8.50 12.72
C GLY A 71 13.45 7.73 13.66
N THR A 72 12.87 6.65 13.14
CA THR A 72 12.07 5.75 13.96
C THR A 72 12.49 4.32 13.76
N THR A 73 12.49 3.58 14.85
CA THR A 73 12.93 2.19 14.93
C THR A 73 12.05 1.50 15.95
N GLY A 74 11.67 0.26 15.67
CA GLY A 74 10.85 -0.45 16.62
C GLY A 74 10.68 -1.90 16.27
N THR A 75 9.97 -2.61 17.14
CA THR A 75 9.68 -4.03 16.98
C THR A 75 8.27 -4.32 17.47
N PHE A 76 7.77 -5.47 17.04
CA PHE A 76 6.59 -6.08 17.64
C PHE A 76 6.58 -7.55 17.26
N ASP A 77 5.73 -8.31 17.94
CA ASP A 77 5.46 -9.69 17.60
C ASP A 77 4.02 -9.86 17.21
N LEU A 78 3.78 -10.83 16.35
CA LEU A 78 2.48 -11.46 16.23
C LEU A 78 2.55 -12.82 16.93
N VAL A 79 1.49 -13.14 17.64
CA VAL A 79 1.37 -14.39 18.37
C VAL A 79 0.02 -15.02 18.10
N ASP A 80 -0.11 -16.32 18.40
CA ASP A 80 -1.29 -17.10 18.05
C ASP A 80 -2.11 -17.33 19.31
N PRO A 81 -3.23 -16.62 19.49
CA PRO A 81 -3.98 -16.71 20.73
C PRO A 81 -4.70 -18.02 20.94
N ALA A 82 -4.80 -18.86 19.92
CA ALA A 82 -5.36 -20.20 20.06
C ALA A 82 -4.29 -21.22 20.43
N ASP A 83 -3.02 -20.85 20.43
CA ASP A 83 -1.90 -21.77 20.64
C ASP A 83 -0.99 -21.21 21.73
N GLY A 84 -1.60 -20.78 22.83
CA GLY A 84 -0.84 -20.32 23.98
C GLY A 84 -0.01 -19.09 23.72
N ASP A 85 -0.43 -18.25 22.76
CA ASP A 85 0.34 -17.07 22.37
C ASP A 85 1.73 -17.47 21.86
N LYS A 86 1.84 -18.63 21.24
CA LYS A 86 3.05 -18.99 20.53
C LYS A 86 3.40 -17.90 19.50
N GLN A 87 4.67 -17.59 19.38
CA GLN A 87 5.08 -16.59 18.41
C GLN A 87 4.78 -17.04 17.00
N VAL A 88 4.25 -16.11 16.23
CA VAL A 88 4.05 -16.26 14.80
C VAL A 88 5.27 -15.74 14.06
N ARG A 89 5.56 -14.45 14.18
CA ARG A 89 6.80 -13.85 13.68
C ARG A 89 7.15 -12.67 14.57
N HIS A 90 8.42 -12.29 14.50
CA HIS A 90 8.96 -11.06 15.06
C HIS A 90 9.18 -10.07 13.93
N PHE A 91 8.95 -8.79 14.20
CA PHE A 91 9.01 -7.71 13.23
C PHE A 91 9.91 -6.60 13.74
N TYR A 92 10.69 -6.02 12.82
CA TYR A 92 11.63 -4.95 13.10
C TYR A 92 11.58 -3.92 11.99
N TRP A 93 11.41 -2.66 12.38
CA TRP A 93 11.49 -1.54 11.44
C TRP A 93 12.59 -0.58 11.83
N ASP A 94 13.21 0.00 10.82
CA ASP A 94 14.19 1.07 11.01
C ASP A 94 14.09 2.02 9.82
N SER A 95 13.82 3.28 10.13
CA SER A 95 13.72 4.36 9.16
C SER A 95 14.61 5.49 9.67
N PRO A 96 15.91 5.39 9.43
CA PRO A 96 16.84 6.39 9.96
C PRO A 96 16.73 7.71 9.22
N TRP A 97 17.07 8.78 9.91
CA TRP A 97 17.02 10.11 9.33
C TRP A 97 18.22 10.32 8.44
N GLY A 98 18.00 10.99 7.32
CA GLY A 98 19.05 11.27 6.35
C GLY A 98 18.90 10.45 5.09
N SER A 99 20.02 10.29 4.39
CA SER A 99 20.07 9.46 3.20
C SER A 99 20.29 7.98 3.53
N LYS A 100 20.21 7.60 4.79
CA LYS A 100 20.54 6.23 5.16
C LYS A 100 19.42 5.28 4.72
N THR A 101 19.81 4.07 4.28
CA THR A 101 18.95 2.95 3.93
C THR A 101 18.07 2.52 5.10
N ASN A 102 16.87 2.09 4.77
CA ASN A 102 15.91 1.60 5.74
C ASN A 102 15.92 0.09 5.83
N THR A 103 15.35 -0.44 6.91
CA THR A 103 15.29 -1.87 7.13
C THR A 103 13.89 -2.25 7.56
N TRP A 104 13.41 -3.38 7.04
CA TRP A 104 12.15 -3.98 7.45
C TRP A 104 12.38 -5.49 7.47
N THR A 105 12.38 -6.08 8.65
CA THR A 105 12.75 -7.49 8.79
C THR A 105 11.65 -8.26 9.51
N VAL A 106 11.21 -9.34 8.90
CA VAL A 106 10.30 -10.30 9.49
C VAL A 106 11.09 -11.56 9.78
N SER A 107 11.03 -12.06 11.00
CA SER A 107 11.88 -13.15 11.44
C SER A 107 11.08 -14.12 12.28
N GLY A 108 11.72 -15.23 12.61
CA GLY A 108 11.07 -16.30 13.33
C GLY A 108 10.41 -17.26 12.36
N SER A 109 9.98 -18.38 12.90
CA SER A 109 9.26 -19.38 12.12
C SER A 109 8.07 -19.90 12.91
N ASN A 110 7.02 -20.21 12.18
CA ASN A 110 5.86 -20.89 12.74
C ASN A 110 5.11 -21.37 11.50
N THR A 111 5.23 -22.67 11.20
CA THR A 111 4.72 -23.19 9.96
C THR A 111 3.21 -23.31 9.93
N LYS A 112 2.51 -23.03 11.04
CA LYS A 112 1.07 -22.95 10.98
C LYS A 112 0.60 -21.68 10.31
N TRP A 113 1.49 -20.71 10.10
CA TRP A 113 1.14 -19.38 9.62
C TRP A 113 1.93 -19.04 8.38
N MET A 114 1.26 -18.33 7.48
CA MET A 114 1.88 -17.73 6.31
C MET A 114 1.76 -16.22 6.46
N ILE A 115 2.84 -15.53 6.16
CA ILE A 115 2.95 -14.09 6.34
C ILE A 115 3.54 -13.49 5.08
N GLU A 116 2.87 -12.51 4.49
CA GLU A 116 3.32 -11.84 3.27
C GLU A 116 3.30 -10.34 3.52
N TYR A 117 4.34 -9.65 3.08
CA TYR A 117 4.42 -8.22 3.26
C TYR A 117 4.87 -7.53 1.98
N SER A 118 4.50 -6.25 1.86
CA SER A 118 4.94 -5.43 0.74
C SER A 118 4.77 -3.96 1.11
N GLY A 119 5.36 -3.10 0.29
CA GLY A 119 5.25 -1.67 0.40
C GLY A 119 6.47 -0.97 0.93
N GLN A 120 7.35 -1.68 1.62
CA GLN A 120 8.51 -1.06 2.24
C GLN A 120 9.37 -0.33 1.23
N ASN A 121 9.87 0.83 1.64
CA ASN A 121 10.84 1.57 0.86
C ASN A 121 12.20 1.37 1.50
N LEU A 122 13.06 0.59 0.85
CA LEU A 122 14.36 0.26 1.44
C LEU A 122 15.45 1.25 1.09
N ASP A 123 15.18 2.15 0.15
CA ASP A 123 16.13 3.15 -0.27
C ASP A 123 16.03 4.34 0.68
N SER A 124 16.53 5.49 0.27
CA SER A 124 16.45 6.70 1.08
C SER A 124 15.02 7.22 1.14
N GLY A 125 14.75 8.00 2.15
CA GLY A 125 13.41 8.47 2.38
C GLY A 125 12.80 7.63 3.47
N ALA A 126 11.55 7.92 3.76
CA ALA A 126 10.89 7.22 4.84
C ALA A 126 10.59 5.79 4.45
N LEU A 127 10.61 4.91 5.45
CA LEU A 127 10.30 3.50 5.20
C LEU A 127 8.89 3.33 4.62
N GLY A 128 7.94 4.16 5.05
CA GLY A 128 6.66 4.21 4.40
C GLY A 128 5.59 3.24 4.87
N THR A 129 4.68 2.90 3.97
CA THR A 129 3.49 2.10 4.30
C THR A 129 3.71 0.64 3.93
N ILE A 130 3.71 -0.22 4.92
CA ILE A 130 3.94 -1.64 4.77
C ILE A 130 2.66 -2.39 5.16
N THR A 131 2.20 -3.27 4.27
CA THR A 131 1.06 -4.11 4.56
C THR A 131 1.53 -5.53 4.82
N VAL A 132 1.07 -6.11 5.92
CA VAL A 132 1.41 -7.46 6.34
C VAL A 132 0.12 -8.28 6.32
N ASP A 133 0.02 -9.25 5.42
CA ASP A 133 -1.10 -10.16 5.35
C ASP A 133 -0.78 -11.40 6.15
N THR A 134 -1.72 -11.81 6.99
CA THR A 134 -1.54 -12.98 7.87
C THR A 134 -2.57 -14.04 7.55
N LEU A 135 -2.16 -15.31 7.50
CA LEU A 135 -3.10 -16.39 7.26
C LEU A 135 -2.64 -17.62 8.04
N LYS A 136 -3.51 -18.15 8.87
CA LYS A 136 -3.22 -19.43 9.51
C LYS A 136 -3.59 -20.56 8.57
N LYS A 137 -2.59 -21.31 8.15
CA LYS A 137 -2.76 -22.38 7.16
C LYS A 137 -2.70 -23.76 7.78
N GLY A 138 -2.25 -23.91 9.02
CA GLY A 138 -2.11 -25.19 9.65
C GLY A 138 -0.88 -25.87 9.08
N ASN A 139 -0.51 -26.99 9.68
CA ASN A 139 0.52 -27.86 9.15
C ASN A 139 -0.15 -28.96 8.35
N ALA B 5 -11.75 34.26 2.69
CA ALA B 5 -10.73 33.71 1.80
C ALA B 5 -10.33 32.26 2.09
N GLN B 6 -10.35 31.85 3.36
CA GLN B 6 -9.94 30.51 3.78
C GLN B 6 -11.13 29.87 4.47
N TRP B 7 -11.64 28.79 3.92
CA TRP B 7 -12.86 28.15 4.43
C TRP B 7 -13.01 26.77 3.82
N VAL B 8 -13.82 25.94 4.47
CA VAL B 8 -14.19 24.62 4.02
C VAL B 8 -15.65 24.38 4.42
N ILE B 9 -16.33 23.58 3.62
CA ILE B 9 -17.63 23.00 3.94
C ILE B 9 -17.48 21.50 3.76
N ILE B 10 -17.87 20.73 4.77
CA ILE B 10 -17.74 19.28 4.75
C ILE B 10 -19.13 18.67 4.88
N ILE B 11 -19.55 17.93 3.89
CA ILE B 11 -20.87 17.31 3.88
C ILE B 11 -20.67 15.82 4.01
N ILE B 12 -21.19 15.24 5.06
CA ILE B 12 -21.11 13.79 5.27
CA ILE B 12 -21.13 13.79 5.32
C ILE B 12 -22.46 13.22 4.88
N HIS B 13 -22.45 12.33 3.87
CA HIS B 13 -23.66 11.69 3.38
C HIS B 13 -23.53 10.19 3.62
N ASN B 14 -24.43 9.63 4.42
CA ASN B 14 -24.44 8.19 4.67
C ASN B 14 -25.23 7.50 3.57
N VAL B 15 -24.51 6.84 2.68
CA VAL B 15 -25.11 6.17 1.52
C VAL B 15 -25.30 4.69 1.75
N GLY B 16 -25.01 4.20 2.96
CA GLY B 16 -25.25 2.82 3.33
C GLY B 16 -26.43 2.67 4.26
N SER B 17 -26.53 1.48 4.86
CA SER B 17 -27.68 1.11 5.66
C SER B 17 -27.43 1.13 7.16
N GLN B 18 -26.24 1.54 7.58
CA GLN B 18 -25.84 1.47 8.97
C GLN B 18 -25.37 2.85 9.42
N ASP B 19 -25.80 3.23 10.62
CA ASP B 19 -25.46 4.53 11.17
C ASP B 19 -23.95 4.72 11.26
N VAL B 20 -23.52 5.98 11.06
CA VAL B 20 -22.16 6.43 11.29
C VAL B 20 -22.21 7.62 12.24
N LYS B 21 -21.14 7.83 13.01
CA LYS B 21 -21.13 8.83 14.07
C LYS B 21 -19.91 9.74 13.95
N ILE B 22 -20.09 11.03 14.18
CA ILE B 22 -19.01 12.02 14.21
CA ILE B 22 -18.95 11.94 14.19
C ILE B 22 -18.44 12.11 15.63
N LYS B 23 -17.12 12.12 15.75
CA LYS B 23 -16.48 12.25 17.04
C LYS B 23 -15.23 13.09 16.90
N ASN B 24 -14.87 13.73 18.00
CA ASN B 24 -13.59 14.42 18.12
C ASN B 24 -13.45 15.54 17.10
N LEU B 25 -14.53 16.29 16.87
CA LEU B 25 -14.46 17.44 15.98
C LEU B 25 -13.78 18.60 16.71
N LYS B 26 -12.72 19.13 16.11
CA LYS B 26 -12.01 20.26 16.71
C LYS B 26 -11.32 21.07 15.63
N ALA B 27 -11.63 22.36 15.56
CA ALA B 27 -10.90 23.30 14.71
C ALA B 27 -9.73 23.84 15.53
N SER B 28 -8.51 23.58 15.07
CA SER B 28 -7.31 24.11 15.71
C SER B 28 -6.97 25.54 15.27
N TRP B 29 -7.41 25.96 14.09
CA TRP B 29 -7.29 27.32 13.63
C TRP B 29 -8.61 27.71 12.98
N GLY B 30 -9.01 28.95 13.17
CA GLY B 30 -10.29 29.37 12.66
C GLY B 30 -11.41 28.93 13.57
N LYS B 31 -12.62 28.88 13.02
CA LYS B 31 -13.79 28.56 13.80
C LYS B 31 -14.78 27.76 12.98
N LEU B 32 -15.65 27.01 13.66
CA LEU B 32 -16.83 26.43 13.04
C LEU B 32 -17.93 27.49 12.96
N HIS B 33 -18.75 27.42 11.92
CA HIS B 33 -19.78 28.44 11.73
C HIS B 33 -21.06 27.84 11.17
N ALA B 34 -22.09 28.66 11.19
CA ALA B 34 -23.43 28.28 10.76
C ALA B 34 -23.51 28.16 9.24
N ASP B 35 -24.42 27.31 8.77
CA ASP B 35 -24.56 27.10 7.33
C ASP B 35 -24.76 28.41 6.60
N GLY B 36 -23.91 28.67 5.63
CA GLY B 36 -24.06 29.82 4.78
C GLY B 36 -23.58 31.14 5.35
N ASP B 37 -23.08 31.16 6.59
CA ASP B 37 -22.67 32.42 7.23
C ASP B 37 -21.32 32.25 7.94
N LYS B 38 -20.26 32.61 7.20
CA LYS B 38 -18.90 32.34 7.64
C LYS B 38 -18.51 33.11 8.88
N ASP B 39 -19.31 34.11 9.27
CA ASP B 39 -19.06 34.95 10.43
C ASP B 39 -19.77 34.48 11.68
N ALA B 40 -20.74 33.56 11.57
CA ALA B 40 -21.60 33.19 12.71
C ALA B 40 -21.04 31.93 13.37
N GLU B 41 -20.24 32.12 14.41
CA GLU B 41 -19.56 30.99 15.04
C GLU B 41 -20.55 30.09 15.76
N VAL B 42 -20.32 28.78 15.69
CA VAL B 42 -21.12 27.79 16.39
C VAL B 42 -20.19 26.85 17.15
N SER B 43 -20.76 26.16 18.12
CA SER B 43 -20.02 25.20 18.93
C SER B 43 -19.87 23.84 18.25
N ALA B 44 -18.71 23.20 18.49
CA ALA B 44 -18.52 21.83 18.02
C ALA B 44 -19.55 20.88 18.62
N SER B 45 -20.16 21.23 19.75
CA SER B 45 -21.17 20.35 20.35
CA SER B 45 -21.17 20.35 20.34
C SER B 45 -22.44 20.26 19.51
N ASN B 46 -22.60 21.11 18.50
CA ASN B 46 -23.70 20.94 17.56
CA ASN B 46 -23.70 20.93 17.58
C ASN B 46 -23.55 19.65 16.77
N TYR B 47 -22.33 19.12 16.68
CA TYR B 47 -22.03 17.98 15.85
C TYR B 47 -21.41 16.82 16.62
N GLU B 48 -20.78 17.07 17.76
CA GLU B 48 -20.04 16.01 18.45
C GLU B 48 -20.97 14.88 18.86
N GLY B 49 -20.62 13.65 18.48
CA GLY B 49 -21.41 12.48 18.80
C GLY B 49 -22.66 12.32 17.98
N LYS B 50 -22.92 13.17 16.98
CA LYS B 50 -24.15 13.05 16.21
C LYS B 50 -24.07 11.86 15.25
N ILE B 51 -25.20 11.22 15.08
CA ILE B 51 -25.34 10.08 14.19
C ILE B 51 -25.84 10.59 12.85
N VAL B 52 -25.23 10.11 11.77
CA VAL B 52 -25.75 10.32 10.42
C VAL B 52 -26.43 9.02 10.01
N LYS B 53 -27.75 9.07 9.93
CA LYS B 53 -28.53 7.90 9.59
C LYS B 53 -28.46 7.63 8.10
N PRO B 54 -28.90 6.44 7.69
CA PRO B 54 -28.92 6.13 6.26
C PRO B 54 -29.68 7.18 5.47
N ASP B 55 -29.09 7.61 4.36
CA ASP B 55 -29.64 8.60 3.44
C ASP B 55 -29.68 10.01 4.00
N GLU B 56 -29.14 10.24 5.20
CA GLU B 56 -29.05 11.58 5.77
C GLU B 56 -27.69 12.20 5.50
N LYS B 57 -27.64 13.51 5.73
CA LYS B 57 -26.44 14.30 5.59
C LYS B 57 -26.24 15.16 6.82
N LEU B 58 -24.98 15.42 7.14
CA LEU B 58 -24.59 16.39 8.14
C LEU B 58 -23.52 17.28 7.55
N GLN B 59 -23.62 18.57 7.77
CA GLN B 59 -22.73 19.55 7.18
C GLN B 59 -21.99 20.29 8.28
N ILE B 60 -20.67 20.35 8.16
CA ILE B 60 -19.79 21.10 9.05
C ILE B 60 -19.16 22.21 8.23
N ASN B 61 -19.11 23.42 8.76
CA ASN B 61 -18.54 24.57 8.08
C ASN B 61 -17.45 25.19 8.93
N ALA B 62 -16.29 25.50 8.35
CA ALA B 62 -15.21 26.14 9.10
C ALA B 62 -14.59 27.24 8.28
N SER B 63 -14.20 28.32 8.94
CA SER B 63 -13.62 29.45 8.23
C SER B 63 -12.53 30.07 9.08
N GLY B 64 -11.72 30.88 8.41
CA GLY B 64 -10.68 31.61 9.07
C GLY B 64 -11.25 32.69 9.93
N ARG B 65 -10.34 33.37 10.64
CA ARG B 65 -10.66 34.54 11.44
C ARG B 65 -10.13 35.79 10.75
N SER B 66 -11.05 36.67 10.35
CA SER B 66 -10.65 37.84 9.56
C SER B 66 -9.81 38.81 10.39
N ASP B 67 -10.30 39.18 11.57
CA ASP B 67 -9.56 40.09 12.44
C ASP B 67 -8.14 39.57 12.72
N ALA B 68 -8.02 38.27 13.00
CA ALA B 68 -6.73 37.68 13.31
C ALA B 68 -5.92 37.31 12.07
N ALA B 69 -6.53 37.38 10.88
CA ALA B 69 -5.85 37.05 9.63
C ALA B 69 -5.26 35.63 9.67
N GLU B 70 -6.10 34.67 10.08
CA GLU B 70 -5.71 33.25 10.10
C GLU B 70 -6.62 32.42 9.20
N GLY B 71 -6.07 31.30 8.70
CA GLY B 71 -6.81 30.30 7.95
C GLY B 71 -7.60 29.40 8.86
N THR B 72 -8.01 28.26 8.33
CA THR B 72 -8.71 27.28 9.15
C THR B 72 -8.07 25.90 9.00
N THR B 73 -8.01 25.18 10.13
CA THR B 73 -7.40 23.87 10.22
C THR B 73 -8.19 23.06 11.24
N GLY B 74 -8.43 21.77 10.98
CA GLY B 74 -9.14 20.99 11.96
C GLY B 74 -9.13 19.51 11.64
N THR B 75 -9.73 18.75 12.54
CA THR B 75 -9.86 17.31 12.42
C THR B 75 -11.21 16.86 12.94
N PHE B 76 -11.59 15.67 12.51
CA PHE B 76 -12.67 14.92 13.15
C PHE B 76 -12.48 13.46 12.79
N ASP B 77 -13.21 12.61 13.49
CA ASP B 77 -13.29 11.19 13.20
C ASP B 77 -14.71 10.81 12.85
N LEU B 78 -14.84 9.77 12.02
CA LEU B 78 -16.06 8.99 11.94
C LEU B 78 -15.82 7.70 12.69
N VAL B 79 -16.83 7.27 13.44
CA VAL B 79 -16.74 6.07 14.23
C VAL B 79 -18.00 5.24 14.02
N ASP B 80 -17.93 3.97 14.39
CA ASP B 80 -19.00 3.02 14.13
C ASP B 80 -19.76 2.73 15.41
N PRO B 81 -20.96 3.29 15.58
CA PRO B 81 -21.67 3.10 16.85
C PRO B 81 -22.16 1.69 17.08
N ALA B 82 -22.20 0.83 16.07
CA ALA B 82 -22.57 -0.57 16.25
C ALA B 82 -21.40 -1.45 16.68
N ASP B 83 -20.19 -0.89 16.68
CA ASP B 83 -18.95 -1.61 16.90
C ASP B 83 -18.16 -0.90 18.00
N GLY B 84 -18.83 -0.48 19.07
CA GLY B 84 -18.16 0.17 20.18
C GLY B 84 -17.48 1.48 19.82
N ASP B 85 -18.03 2.22 18.85
CA ASP B 85 -17.42 3.45 18.37
C ASP B 85 -16.00 3.21 17.84
N LYS B 86 -15.77 2.03 17.26
CA LYS B 86 -14.52 1.78 16.56
C LYS B 86 -14.32 2.85 15.50
N GLN B 87 -13.08 3.29 15.37
CA GLN B 87 -12.73 4.27 14.37
C GLN B 87 -13.03 3.75 12.97
N VAL B 88 -13.65 4.60 12.16
CA VAL B 88 -13.86 4.36 10.74
C VAL B 88 -12.73 5.01 9.95
N ARG B 89 -12.64 6.33 9.98
CA ARG B 89 -11.51 7.06 9.43
C ARG B 89 -11.32 8.34 10.22
N HIS B 90 -10.11 8.90 10.10
CA HIS B 90 -9.74 10.20 10.64
C HIS B 90 -9.62 11.19 9.49
N PHE B 91 -10.04 12.41 9.73
CA PHE B 91 -10.07 13.47 8.72
C PHE B 91 -9.30 14.69 9.21
N TYR B 92 -8.56 15.30 8.30
CA TYR B 92 -7.77 16.49 8.55
C TYR B 92 -7.98 17.49 7.43
N TRP B 93 -8.26 18.74 7.78
CA TRP B 93 -8.33 19.82 6.82
C TRP B 93 -7.39 20.97 7.18
N ASP B 94 -6.88 21.62 6.13
CA ASP B 94 -6.10 22.84 6.30
C ASP B 94 -6.32 23.71 5.08
N SER B 95 -6.76 24.94 5.33
CA SER B 95 -6.88 25.98 4.31
C SER B 95 -6.09 27.18 4.83
N PRO B 96 -4.78 27.23 4.56
CA PRO B 96 -3.91 28.28 5.11
C PRO B 96 -3.92 29.56 4.25
N TRP B 97 -3.45 30.67 4.84
CA TRP B 97 -3.33 31.91 4.06
C TRP B 97 -2.03 31.94 3.26
N GLY B 98 -1.97 32.87 2.30
CA GLY B 98 -0.80 33.02 1.46
C GLY B 98 -0.74 31.96 0.37
N SER B 99 0.46 31.83 -0.21
CA SER B 99 0.64 30.92 -1.33
C SER B 99 0.61 29.46 -0.92
N LYS B 100 0.55 29.16 0.38
CA LYS B 100 0.66 27.78 0.83
C LYS B 100 -0.57 26.95 0.41
N THR B 101 -0.33 25.70 0.01
CA THR B 101 -1.35 24.82 -0.52
C THR B 101 -2.31 24.36 0.57
N ASN B 102 -3.55 24.06 0.17
CA ASN B 102 -4.53 23.42 1.03
C ASN B 102 -4.25 21.93 1.15
N THR B 103 -4.76 21.33 2.22
CA THR B 103 -4.61 19.91 2.47
C THR B 103 -5.95 19.35 2.95
N TRP B 104 -6.27 18.16 2.45
CA TRP B 104 -7.42 17.37 2.91
C TRP B 104 -6.97 15.92 2.94
N THR B 105 -6.94 15.33 4.12
CA THR B 105 -6.36 13.99 4.26
C THR B 105 -7.29 13.11 5.09
N VAL B 106 -7.54 11.91 4.56
CA VAL B 106 -8.33 10.88 5.21
C VAL B 106 -7.42 9.71 5.53
N SER B 107 -7.46 9.23 6.76
CA SER B 107 -6.49 8.25 7.27
CA SER B 107 -6.51 8.21 7.19
C SER B 107 -7.20 7.15 8.03
N GLY B 108 -6.52 6.02 8.18
CA GLY B 108 -7.00 4.93 8.99
C GLY B 108 -7.51 3.76 8.16
N SER B 109 -7.67 2.66 8.86
CA SER B 109 -8.04 1.38 8.29
C SER B 109 -9.25 0.88 9.07
N ASN B 110 -10.31 0.58 8.38
CA ASN B 110 -11.43 -0.18 8.93
C ASN B 110 -12.07 -0.83 7.71
N THR B 111 -11.88 -2.13 7.56
CA THR B 111 -12.26 -2.84 6.35
C THR B 111 -13.76 -3.01 6.22
N LYS B 112 -14.52 -2.73 7.26
CA LYS B 112 -15.97 -2.86 7.17
C LYS B 112 -16.62 -1.67 6.49
N TRP B 113 -15.88 -0.60 6.28
CA TRP B 113 -16.42 0.65 5.78
C TRP B 113 -15.70 1.07 4.51
N MET B 114 -16.45 1.72 3.66
CA MET B 114 -15.92 2.36 2.48
C MET B 114 -16.27 3.84 2.57
N ILE B 115 -15.29 4.66 2.24
CA ILE B 115 -15.41 6.09 2.32
C ILE B 115 -14.89 6.74 1.04
N GLU B 116 -15.71 7.59 0.42
CA GLU B 116 -15.33 8.28 -0.80
C GLU B 116 -15.49 9.78 -0.56
N TYR B 117 -14.56 10.56 -1.08
CA TYR B 117 -14.64 12.00 -0.92
C TYR B 117 -14.28 12.72 -2.21
N SER B 118 -14.81 13.92 -2.38
CA SER B 118 -14.53 14.72 -3.56
C SER B 118 -14.89 16.17 -3.27
N GLY B 119 -14.39 17.06 -4.14
CA GLY B 119 -14.68 18.47 -4.12
C GLY B 119 -13.55 19.34 -3.62
N GLN B 120 -12.54 18.77 -2.99
CA GLN B 120 -11.50 19.57 -2.39
C GLN B 120 -10.73 20.36 -3.45
N ASN B 121 -10.38 21.58 -3.12
CA ASN B 121 -9.56 22.43 -3.96
C ASN B 121 -8.16 22.44 -3.38
N LEU B 122 -7.24 21.81 -4.10
CA LEU B 122 -5.85 21.75 -3.65
C LEU B 122 -5.00 22.81 -4.30
N ASP B 123 -5.60 23.72 -5.09
CA ASP B 123 -4.92 24.83 -5.73
C ASP B 123 -5.19 26.09 -4.92
N SER B 124 -4.87 27.26 -5.48
CA SER B 124 -4.93 28.48 -4.69
C SER B 124 -6.36 28.77 -4.24
N GLY B 125 -6.48 29.34 -3.05
CA GLY B 125 -7.76 29.77 -2.52
C GLY B 125 -8.27 28.86 -1.42
N ALA B 126 -9.58 28.92 -1.23
CA ALA B 126 -10.23 28.16 -0.17
C ALA B 126 -10.27 26.67 -0.50
N LEU B 127 -10.22 25.86 0.54
CA LEU B 127 -10.31 24.42 0.37
C LEU B 127 -11.63 24.01 -0.28
N GLY B 128 -12.72 24.72 0.03
CA GLY B 128 -13.97 24.55 -0.70
C GLY B 128 -14.93 23.55 -0.08
N THR B 129 -15.82 23.01 -0.92
CA THR B 129 -16.89 22.11 -0.48
C THR B 129 -16.54 20.66 -0.75
N ILE B 130 -16.41 19.88 0.31
CA ILE B 130 -15.95 18.49 0.25
C ILE B 130 -17.12 17.61 0.68
N THR B 131 -17.50 16.67 -0.17
CA THR B 131 -18.53 15.70 0.15
C THR B 131 -17.88 14.37 0.47
N VAL B 132 -18.27 13.78 1.59
CA VAL B 132 -17.78 12.51 2.09
C VAL B 132 -18.96 11.55 2.12
N ASP B 133 -18.91 10.52 1.29
CA ASP B 133 -19.92 9.47 1.30
C ASP B 133 -19.42 8.28 2.13
N THR B 134 -20.32 7.70 2.94
CA THR B 134 -19.96 6.62 3.86
C THR B 134 -20.83 5.40 3.59
N LEU B 135 -20.25 4.22 3.65
CA LEU B 135 -21.01 2.99 3.47
C LEU B 135 -20.41 1.87 4.31
N LYS B 136 -21.21 1.23 5.15
CA LYS B 136 -20.78 0.03 5.85
C LYS B 136 -21.11 -1.22 5.03
N LYS B 137 -20.12 -2.05 4.74
CA LYS B 137 -20.36 -3.22 3.87
C LYS B 137 -20.97 -4.44 4.58
N GLY B 138 -20.57 -4.70 5.83
CA GLY B 138 -20.99 -5.88 6.55
C GLY B 138 -20.39 -5.83 7.94
N ASN B 139 -20.73 -6.83 8.75
CA ASN B 139 -20.22 -6.89 10.11
C ASN B 139 -18.84 -7.54 10.15
N TYR C 4 33.53 -17.25 -7.24
CA TYR C 4 32.17 -17.65 -6.86
C TYR C 4 31.73 -17.01 -5.56
N ALA C 5 32.24 -15.80 -5.27
CA ALA C 5 31.89 -15.14 -4.02
C ALA C 5 30.45 -14.64 -4.00
N GLN C 6 29.85 -14.32 -5.15
CA GLN C 6 28.46 -13.92 -5.19
C GLN C 6 27.62 -15.10 -5.69
N TRP C 7 26.60 -15.46 -4.92
CA TRP C 7 25.77 -16.60 -5.27
C TRP C 7 24.44 -16.47 -4.56
N VAL C 8 23.46 -17.18 -5.10
CA VAL C 8 22.15 -17.33 -4.52
C VAL C 8 21.66 -18.73 -4.81
N ILE C 9 20.86 -19.25 -3.90
CA ILE C 9 20.08 -20.44 -4.10
C ILE C 9 18.64 -20.06 -3.84
N ILE C 10 17.76 -20.36 -4.79
CA ILE C 10 16.35 -20.04 -4.67
C ILE C 10 15.60 -21.35 -4.63
N ILE C 11 14.83 -21.56 -3.55
CA ILE C 11 14.04 -22.77 -3.39
C ILE C 11 12.57 -22.36 -3.42
N ILE C 12 11.83 -22.88 -4.37
CA ILE C 12 10.40 -22.65 -4.45
CA ILE C 12 10.39 -22.67 -4.49
C ILE C 12 9.71 -23.88 -3.87
N HIS C 13 8.93 -23.67 -2.82
CA HIS C 13 8.23 -24.76 -2.13
C HIS C 13 6.75 -24.48 -2.24
N ASN C 14 6.02 -25.37 -2.91
CA ASN C 14 4.58 -25.20 -3.08
C ASN C 14 3.91 -25.81 -1.86
N VAL C 15 3.43 -24.94 -0.96
CA VAL C 15 2.83 -25.36 0.30
C VAL C 15 1.32 -25.36 0.22
N GLY C 16 0.76 -25.13 -0.96
CA GLY C 16 -0.65 -25.22 -1.21
C GLY C 16 -1.05 -26.46 -1.98
N SER C 17 -2.25 -26.44 -2.52
CA SER C 17 -2.83 -27.61 -3.17
C SER C 17 -2.95 -27.46 -4.68
N GLN C 18 -2.45 -26.37 -5.24
CA GLN C 18 -2.59 -26.13 -6.68
C GLN C 18 -1.23 -25.85 -7.30
N ASP C 19 -0.99 -26.42 -8.47
CA ASP C 19 0.27 -26.28 -9.19
C ASP C 19 0.61 -24.82 -9.41
N VAL C 20 1.91 -24.53 -9.36
CA VAL C 20 2.46 -23.25 -9.76
C VAL C 20 3.53 -23.56 -10.79
N LYS C 21 3.84 -22.58 -11.65
CA LYS C 21 4.72 -22.77 -12.78
C LYS C 21 5.75 -21.65 -12.87
N ILE C 22 6.97 -22.01 -13.22
CA ILE C 22 8.00 -21.01 -13.41
CA ILE C 22 8.11 -21.09 -13.44
C ILE C 22 8.11 -20.65 -14.89
N LYS C 23 8.27 -19.36 -15.16
CA LYS C 23 8.38 -18.81 -16.50
C LYS C 23 9.36 -17.65 -16.52
N ASN C 24 9.93 -17.40 -17.69
CA ASN C 24 10.78 -16.23 -17.95
C ASN C 24 12.01 -16.17 -17.04
N LEU C 25 12.60 -17.32 -16.78
CA LEU C 25 13.83 -17.35 -16.00
C LEU C 25 15.02 -16.85 -16.81
N LYS C 26 15.68 -15.79 -16.33
CA LYS C 26 16.81 -15.21 -17.05
CA LYS C 26 16.81 -15.19 -17.06
C LYS C 26 17.82 -14.62 -16.07
N ALA C 27 19.06 -15.09 -16.16
CA ALA C 27 20.16 -14.50 -15.41
C ALA C 27 20.85 -13.47 -16.30
N SER C 28 20.79 -12.21 -15.93
CA SER C 28 21.45 -11.15 -16.69
C SER C 28 22.94 -11.05 -16.39
N TRP C 29 23.36 -11.50 -15.22
CA TRP C 29 24.77 -11.58 -14.85
C TRP C 29 25.02 -12.92 -14.19
N GLY C 30 26.18 -13.50 -14.47
CA GLY C 30 26.55 -14.77 -13.88
C GLY C 30 25.94 -15.94 -14.62
N LYS C 31 25.96 -17.08 -13.97
CA LYS C 31 25.50 -18.32 -14.58
C LYS C 31 24.50 -19.00 -13.66
N LEU C 32 23.79 -19.95 -14.21
CA LEU C 32 23.02 -20.94 -13.48
C LEU C 32 23.84 -22.22 -13.43
N HIS C 33 23.71 -22.96 -12.35
CA HIS C 33 24.51 -24.16 -12.20
C HIS C 33 23.75 -25.24 -11.42
N ALA C 34 24.34 -26.41 -11.40
CA ALA C 34 23.73 -27.57 -10.77
C ALA C 34 23.77 -27.43 -9.25
N ASP C 35 22.87 -28.18 -8.60
CA ASP C 35 22.79 -28.15 -7.16
C ASP C 35 24.14 -28.53 -6.54
N GLY C 36 24.69 -27.67 -5.72
CA GLY C 36 25.94 -27.92 -5.02
C GLY C 36 27.17 -27.96 -5.89
N ASP C 37 27.10 -27.50 -7.15
CA ASP C 37 28.24 -27.65 -8.07
C ASP C 37 28.28 -26.47 -9.04
N LYS C 38 29.05 -25.47 -8.64
CA LYS C 38 29.16 -24.25 -9.42
C LYS C 38 29.85 -24.47 -10.75
N ASP C 39 30.62 -25.54 -10.90
CA ASP C 39 31.33 -25.80 -12.14
C ASP C 39 30.45 -26.43 -13.21
N ALA C 40 29.30 -26.97 -12.82
CA ALA C 40 28.39 -27.64 -13.75
C ALA C 40 27.31 -26.63 -14.16
N GLU C 41 27.53 -25.93 -15.26
CA GLU C 41 26.59 -24.93 -15.73
C GLU C 41 25.34 -25.63 -16.25
N VAL C 42 24.19 -25.02 -16.03
CA VAL C 42 22.94 -25.52 -16.55
C VAL C 42 22.24 -24.42 -17.36
N SER C 43 21.35 -24.85 -18.24
CA SER C 43 20.54 -23.96 -19.04
C SER C 43 19.30 -23.55 -18.27
N ALA C 44 18.90 -22.30 -18.45
CA ALA C 44 17.61 -21.85 -17.92
C ALA C 44 16.46 -22.71 -18.42
N SER C 45 16.61 -23.34 -19.60
CA SER C 45 15.58 -24.22 -20.09
C SER C 45 15.33 -25.46 -19.23
N ASN C 46 16.23 -25.81 -18.30
CA ASN C 46 15.93 -26.86 -17.35
C ASN C 46 14.73 -26.52 -16.48
N TYR C 47 14.42 -25.23 -16.32
CA TYR C 47 13.39 -24.76 -15.41
C TYR C 47 12.26 -24.09 -16.13
N GLU C 48 12.47 -23.61 -17.34
CA GLU C 48 11.45 -22.82 -18.00
C GLU C 48 10.20 -23.66 -18.23
N GLY C 49 9.07 -23.19 -17.71
CA GLY C 49 7.80 -23.88 -17.83
C GLY C 49 7.57 -25.01 -16.84
N LYS C 50 8.49 -25.26 -15.91
CA LYS C 50 8.33 -26.39 -15.00
C LYS C 50 7.24 -26.11 -13.97
N ILE C 51 6.49 -27.15 -13.67
CA ILE C 51 5.47 -27.11 -12.66
C ILE C 51 6.06 -27.55 -11.33
N VAL C 52 5.74 -26.82 -10.29
CA VAL C 52 6.01 -27.24 -8.92
C VAL C 52 4.69 -27.71 -8.34
N LYS C 53 4.56 -29.03 -8.14
CA LYS C 53 3.32 -29.61 -7.65
C LYS C 53 3.19 -29.39 -6.15
N PRO C 54 2.00 -29.57 -5.61
CA PRO C 54 1.82 -29.45 -4.16
C PRO C 54 2.84 -30.28 -3.40
N ASP C 55 3.42 -29.66 -2.37
CA ASP C 55 4.45 -30.17 -1.47
CA ASP C 55 4.42 -30.26 -1.49
C ASP C 55 5.79 -30.47 -2.15
N GLU C 56 5.96 -30.11 -3.41
CA GLU C 56 7.25 -30.26 -4.07
C GLU C 56 8.07 -28.97 -3.95
N LYS C 57 9.35 -29.12 -4.27
CA LYS C 57 10.28 -28.01 -4.29
C LYS C 57 11.02 -28.00 -5.61
N LEU C 58 11.44 -26.82 -6.02
CA LEU C 58 12.27 -26.59 -7.18
C LEU C 58 13.41 -25.67 -6.74
N GLN C 59 14.63 -26.00 -7.13
CA GLN C 59 15.82 -25.28 -6.69
C GLN C 59 16.56 -24.68 -7.88
N ILE C 60 16.89 -23.39 -7.78
CA ILE C 60 17.67 -22.67 -8.79
C ILE C 60 18.94 -22.20 -8.12
N ASN C 61 20.08 -22.41 -8.76
CA ASN C 61 21.37 -22.03 -8.20
C ASN C 61 22.03 -21.09 -9.19
N ALA C 62 22.42 -19.89 -8.73
CA ALA C 62 23.03 -18.91 -9.61
C ALA C 62 24.27 -18.35 -8.93
N SER C 63 25.33 -18.15 -9.70
CA SER C 63 26.56 -17.66 -9.12
CA SER C 63 26.58 -17.67 -9.13
C SER C 63 27.26 -16.75 -10.12
N GLY C 64 28.12 -15.89 -9.60
CA GLY C 64 28.99 -15.11 -10.42
C GLY C 64 29.94 -16.00 -11.16
N ARG C 65 30.61 -15.39 -12.12
CA ARG C 65 31.47 -16.11 -13.02
C ARG C 65 32.77 -16.51 -12.34
N SER C 66 33.33 -17.63 -12.80
CA SER C 66 34.61 -18.11 -12.28
C SER C 66 35.70 -17.07 -12.53
N ASP C 67 36.00 -16.26 -11.51
CA ASP C 67 37.03 -15.22 -11.61
C ASP C 67 36.77 -14.28 -12.79
N ALA C 68 35.86 -13.33 -12.61
CA ALA C 68 35.65 -12.31 -13.65
C ALA C 68 35.05 -11.04 -13.08
N ALA C 69 35.19 -10.81 -11.78
CA ALA C 69 34.67 -9.61 -11.10
C ALA C 69 33.23 -9.33 -11.48
N GLU C 70 32.40 -10.38 -11.45
CA GLU C 70 30.98 -10.26 -11.75
C GLU C 70 30.16 -10.93 -10.66
N GLY C 71 28.98 -10.41 -10.45
CA GLY C 71 28.04 -10.99 -9.53
C GLY C 71 27.02 -11.86 -10.23
N THR C 72 25.90 -12.09 -9.54
CA THR C 72 24.77 -12.82 -10.10
C THR C 72 23.54 -11.93 -9.99
N THR C 73 22.80 -11.84 -11.09
CA THR C 73 21.59 -11.02 -11.18
C THR C 73 20.61 -11.72 -12.09
N GLY C 74 19.33 -11.70 -11.75
CA GLY C 74 18.36 -12.37 -12.60
C GLY C 74 16.94 -12.09 -12.20
N THR C 75 16.03 -12.62 -13.01
CA THR C 75 14.60 -12.54 -12.77
C THR C 75 13.94 -13.85 -13.14
N PHE C 76 12.73 -14.03 -12.61
CA PHE C 76 11.81 -15.06 -13.09
C PHE C 76 10.42 -14.67 -12.63
N ASP C 77 9.43 -15.33 -13.22
CA ASP C 77 8.03 -15.21 -12.81
C ASP C 77 7.53 -16.55 -12.32
N LEU C 78 6.61 -16.49 -11.37
CA LEU C 78 5.71 -17.59 -11.12
C LEU C 78 4.38 -17.25 -11.76
N VAL C 79 3.75 -18.25 -12.37
CA VAL C 79 2.49 -18.08 -13.09
C VAL C 79 1.54 -19.21 -12.70
N ASP C 80 0.25 -19.00 -12.98
CA ASP C 80 -0.79 -19.92 -12.56
C ASP C 80 -1.28 -20.72 -13.75
N PRO C 81 -0.94 -22.00 -13.86
CA PRO C 81 -1.33 -22.77 -15.05
C PRO C 81 -2.82 -23.04 -15.15
N ALA C 82 -3.58 -22.82 -14.08
CA ALA C 82 -5.03 -23.00 -14.11
C ALA C 82 -5.75 -21.71 -14.50
N ASP C 83 -5.03 -20.62 -14.69
CA ASP C 83 -5.58 -19.31 -14.99
C ASP C 83 -4.84 -18.72 -16.19
N GLY C 84 -4.61 -19.54 -17.21
CA GLY C 84 -3.98 -19.07 -18.45
C GLY C 84 -2.57 -18.55 -18.25
N ASP C 85 -1.83 -19.11 -17.28
CA ASP C 85 -0.49 -18.67 -16.95
C ASP C 85 -0.48 -17.20 -16.52
N LYS C 86 -1.54 -16.76 -15.84
CA LYS C 86 -1.60 -15.43 -15.24
C LYS C 86 -0.43 -15.28 -14.28
N GLN C 87 0.21 -14.12 -14.31
CA GLN C 87 1.29 -13.86 -13.37
C GLN C 87 0.82 -14.04 -11.94
N VAL C 88 1.65 -14.73 -11.15
CA VAL C 88 1.47 -14.81 -9.71
C VAL C 88 2.32 -13.72 -9.04
N ARG C 89 3.64 -13.77 -9.21
CA ARG C 89 4.53 -12.69 -8.82
C ARG C 89 5.75 -12.70 -9.74
N HIS C 90 6.43 -11.55 -9.79
CA HIS C 90 7.72 -11.39 -10.44
C HIS C 90 8.81 -11.32 -9.38
N PHE C 91 9.95 -11.92 -9.68
CA PHE C 91 11.08 -12.03 -8.76
C PHE C 91 12.33 -11.45 -9.40
N TYR C 92 13.11 -10.72 -8.61
CA TYR C 92 14.37 -10.12 -9.02
C TYR C 92 15.42 -10.36 -7.94
N TRP C 93 16.58 -10.84 -8.34
CA TRP C 93 17.72 -10.98 -7.45
C TRP C 93 18.93 -10.24 -8.00
N ASP C 94 19.73 -9.70 -7.08
CA ASP C 94 20.98 -9.06 -7.43
C ASP C 94 21.96 -9.26 -6.29
N SER C 95 23.05 -9.95 -6.57
CA SER C 95 24.17 -10.11 -5.64
C SER C 95 25.40 -9.58 -6.38
N PRO C 96 25.62 -8.27 -6.36
CA PRO C 96 26.66 -7.68 -7.19
C PRO C 96 28.07 -7.94 -6.66
N TRP C 97 29.03 -7.92 -7.59
CA TRP C 97 30.43 -7.97 -7.23
C TRP C 97 30.80 -6.75 -6.42
N GLY C 98 31.58 -6.96 -5.38
CA GLY C 98 32.06 -5.84 -4.60
C GLY C 98 31.07 -5.45 -3.52
N SER C 99 31.22 -4.22 -3.05
CA SER C 99 30.60 -3.83 -1.79
C SER C 99 29.13 -3.48 -1.92
N LYS C 100 28.60 -3.30 -3.13
CA LYS C 100 27.20 -2.91 -3.24
C LYS C 100 26.30 -3.96 -2.57
N THR C 101 25.33 -3.49 -1.79
CA THR C 101 24.42 -4.37 -1.07
C THR C 101 23.55 -5.15 -2.04
N ASN C 102 23.05 -6.29 -1.57
CA ASN C 102 22.23 -7.17 -2.38
C ASN C 102 20.78 -6.71 -2.39
N THR C 103 20.05 -7.16 -3.41
CA THR C 103 18.63 -6.92 -3.55
C THR C 103 17.90 -8.23 -3.81
N TRP C 104 16.72 -8.35 -3.22
CA TRP C 104 15.77 -9.43 -3.51
C TRP C 104 14.38 -8.82 -3.47
N THR C 105 13.68 -8.81 -4.60
CA THR C 105 12.40 -8.12 -4.68
C THR C 105 11.35 -8.99 -5.33
N VAL C 106 10.20 -9.04 -4.67
CA VAL C 106 9.03 -9.78 -5.16
C VAL C 106 7.95 -8.76 -5.45
N SER C 107 7.36 -8.81 -6.63
CA SER C 107 6.43 -7.78 -7.08
C SER C 107 5.19 -8.40 -7.71
N GLY C 108 4.10 -7.65 -7.69
CA GLY C 108 2.88 -8.05 -8.35
C GLY C 108 1.72 -8.24 -7.38
N SER C 109 0.58 -8.18 -8.03
N SER C 109 0.48 -8.47 -7.90
CA SER C 109 -0.72 -8.41 -7.46
CA SER C 109 -0.74 -8.27 -7.03
C SER C 109 -1.29 -9.64 -8.14
C SER C 109 -1.87 -9.33 -7.16
N ASN C 110 -1.57 -10.61 -7.36
CA ASN C 110 -2.55 -11.63 -7.73
C ASN C 110 -3.13 -12.11 -6.41
N THR C 111 -4.39 -11.76 -6.17
CA THR C 111 -4.98 -12.00 -4.86
C THR C 111 -5.35 -13.44 -4.62
N LYS C 112 -5.29 -14.29 -5.65
CA LYS C 112 -5.55 -15.71 -5.43
C LYS C 112 -4.39 -16.43 -4.80
N TRP C 113 -3.21 -15.80 -4.71
CA TRP C 113 -2.01 -16.45 -4.22
C TRP C 113 -1.43 -15.69 -3.06
N MET C 114 -0.89 -16.43 -2.12
CA MET C 114 -0.08 -15.92 -1.04
C MET C 114 1.33 -16.43 -1.20
N ILE C 115 2.30 -15.54 -1.06
CA ILE C 115 3.70 -15.83 -1.33
C ILE C 115 4.51 -15.30 -0.16
N GLU C 116 5.35 -16.14 0.43
CA GLU C 116 6.21 -15.76 1.52
C GLU C 116 7.64 -16.12 1.19
N TYR C 117 8.59 -15.26 1.54
CA TYR C 117 9.99 -15.53 1.28
C TYR C 117 10.84 -15.19 2.50
N SER C 118 11.98 -15.83 2.61
CA SER C 118 12.93 -15.55 3.68
C SER C 118 14.27 -16.15 3.33
N GLY C 119 15.29 -15.70 4.06
CA GLY C 119 16.65 -16.20 3.92
C GLY C 119 17.63 -15.23 3.28
N GLN C 120 17.13 -14.20 2.63
CA GLN C 120 17.98 -13.27 1.88
C GLN C 120 18.94 -12.51 2.79
N ASN C 121 20.18 -12.39 2.34
CA ASN C 121 21.18 -11.59 3.02
CA ASN C 121 21.18 -11.59 3.03
C ASN C 121 21.30 -10.28 2.27
N LEU C 122 20.86 -9.19 2.88
CA LEU C 122 20.82 -7.90 2.18
C LEU C 122 22.07 -7.07 2.33
N ASP C 123 23.06 -7.55 3.02
CA ASP C 123 24.26 -6.74 3.09
C ASP C 123 25.23 -7.13 1.97
N SER C 124 26.48 -6.72 2.09
CA SER C 124 27.50 -7.24 1.21
C SER C 124 27.71 -8.71 1.52
N GLY C 125 28.16 -9.44 0.52
CA GLY C 125 28.32 -10.87 0.62
C GLY C 125 27.33 -11.55 -0.30
N ALA C 126 27.28 -12.87 -0.22
CA ALA C 126 26.35 -13.59 -1.08
C ALA C 126 24.91 -13.37 -0.61
N LEU C 127 23.97 -13.42 -1.55
CA LEU C 127 22.56 -13.33 -1.17
C LEU C 127 22.11 -14.49 -0.32
N GLY C 128 22.67 -15.68 -0.53
CA GLY C 128 22.35 -16.81 0.31
C GLY C 128 21.22 -17.66 -0.26
N THR C 129 20.61 -18.41 0.65
CA THR C 129 19.55 -19.35 0.32
C THR C 129 18.21 -18.71 0.64
N ILE C 130 17.43 -18.45 -0.39
CA ILE C 130 16.13 -17.83 -0.27
C ILE C 130 15.07 -18.88 -0.56
N THR C 131 14.17 -19.05 0.39
CA THR C 131 13.06 -19.97 0.24
C THR C 131 11.78 -19.19 0.00
N VAL C 132 11.07 -19.54 -1.05
CA VAL C 132 9.80 -18.94 -1.43
C VAL C 132 8.71 -20.00 -1.26
N ASP C 133 7.77 -19.77 -0.34
CA ASP C 133 6.62 -20.63 -0.15
C ASP C 133 5.44 -20.07 -0.95
N THR C 134 4.74 -20.94 -1.68
CA THR C 134 3.62 -20.52 -2.53
C THR C 134 2.34 -21.22 -2.10
N LEU C 135 1.24 -20.46 -2.02
CA LEU C 135 -0.05 -21.03 -1.64
C LEU C 135 -1.18 -20.40 -2.45
N LYS C 136 -1.91 -21.20 -3.22
CA LYS C 136 -3.10 -20.71 -3.89
C LYS C 136 -4.27 -20.79 -2.92
N LYS C 137 -4.89 -19.67 -2.64
CA LYS C 137 -5.96 -19.64 -1.66
C LYS C 137 -7.30 -20.11 -2.24
N GLY C 138 -7.53 -19.96 -3.53
CA GLY C 138 -8.86 -20.08 -4.10
C GLY C 138 -8.75 -19.86 -5.60
N ASN C 139 -9.80 -20.29 -6.31
CA ASN C 139 -9.72 -20.34 -7.77
C ASN C 139 -10.33 -19.10 -8.44
N GLY D 1 18.00 4.95 -13.59
CA GLY D 1 17.42 5.89 -14.59
C GLY D 1 17.27 7.30 -14.10
N MET D 2 17.46 8.26 -15.01
CA MET D 2 17.55 9.66 -14.66
C MET D 2 16.36 10.13 -13.83
N ALA D 3 15.15 9.75 -14.26
CA ALA D 3 13.90 10.18 -13.62
C ALA D 3 13.13 9.01 -13.03
N TYR D 4 13.81 7.90 -12.72
CA TYR D 4 13.16 6.75 -12.11
C TYR D 4 12.69 7.03 -10.69
N ALA D 5 13.18 8.10 -10.05
CA ALA D 5 12.64 8.49 -8.75
C ALA D 5 11.20 8.97 -8.85
N GLN D 6 10.70 9.29 -10.07
CA GLN D 6 9.29 9.64 -10.28
C GLN D 6 8.60 8.37 -10.75
N TRP D 7 7.73 7.85 -9.91
CA TRP D 7 7.05 6.60 -10.22
C TRP D 7 5.73 6.56 -9.48
N VAL D 8 4.85 5.71 -10.01
CA VAL D 8 3.59 5.37 -9.37
C VAL D 8 3.31 3.90 -9.63
N ILE D 9 2.64 3.28 -8.68
CA ILE D 9 2.01 1.98 -8.84
C ILE D 9 0.55 2.20 -8.50
N ILE D 10 -0.34 1.85 -9.41
CA ILE D 10 -1.77 1.99 -9.20
C ILE D 10 -2.35 0.60 -9.16
N ILE D 11 -3.02 0.27 -8.06
CA ILE D 11 -3.61 -1.03 -7.85
C ILE D 11 -5.11 -0.86 -7.79
N ILE D 12 -5.82 -1.40 -8.76
CA ILE D 12 -7.28 -1.37 -8.73
CA ILE D 12 -7.29 -1.40 -8.80
C ILE D 12 -7.75 -2.68 -8.12
N HIS D 13 -8.45 -2.57 -7.00
CA HIS D 13 -8.94 -3.73 -6.25
C HIS D 13 -10.46 -3.69 -6.29
N ASN D 14 -11.07 -4.68 -6.93
CA ASN D 14 -12.53 -4.73 -6.96
C ASN D 14 -13.02 -5.41 -5.69
N VAL D 15 -13.55 -4.62 -4.75
CA VAL D 15 -13.98 -5.11 -3.45
C VAL D 15 -15.47 -5.33 -3.40
N GLY D 16 -16.16 -5.14 -4.52
CA GLY D 16 -17.56 -5.43 -4.62
C GLY D 16 -17.83 -6.75 -5.33
N SER D 17 -19.06 -6.88 -5.83
CA SER D 17 -19.52 -8.15 -6.37
C SER D 17 -19.79 -8.08 -7.86
N GLN D 18 -19.48 -6.95 -8.50
CA GLN D 18 -19.75 -6.78 -9.92
C GLN D 18 -18.48 -6.32 -10.63
N ASP D 19 -18.24 -6.86 -11.82
CA ASP D 19 -17.04 -6.53 -12.60
C ASP D 19 -16.92 -5.04 -12.87
N VAL D 20 -15.69 -4.55 -12.94
CA VAL D 20 -15.37 -3.21 -13.42
C VAL D 20 -14.36 -3.38 -14.55
N LYS D 21 -14.26 -2.36 -15.42
CA LYS D 21 -13.44 -2.47 -16.63
C LYS D 21 -12.61 -1.20 -16.78
N ILE D 22 -11.34 -1.37 -17.22
CA ILE D 22 -10.47 -0.23 -17.47
CA ILE D 22 -10.40 -0.28 -17.48
C ILE D 22 -10.44 0.05 -18.96
N LYS D 23 -10.47 1.35 -19.29
CA LYS D 23 -10.35 1.78 -20.67
C LYS D 23 -9.52 3.05 -20.74
N ASN D 24 -8.95 3.29 -21.92
CA ASN D 24 -8.34 4.57 -22.23
C ASN D 24 -7.11 4.85 -21.36
N LEU D 25 -6.35 3.83 -21.00
CA LEU D 25 -5.12 4.06 -20.27
C LEU D 25 -4.10 4.69 -21.20
N LYS D 26 -3.51 5.79 -20.77
CA LYS D 26 -2.55 6.49 -21.62
CA LYS D 26 -2.50 6.42 -21.62
C LYS D 26 -1.58 7.26 -20.75
N ALA D 27 -0.29 7.06 -20.94
CA ALA D 27 0.74 7.87 -20.31
C ALA D 27 1.12 8.99 -21.26
N SER D 28 1.00 10.23 -20.81
CA SER D 28 1.42 11.37 -21.61
C SER D 28 2.88 11.75 -21.39
N TRP D 29 3.45 11.41 -20.24
CA TRP D 29 4.87 11.57 -19.93
C TRP D 29 5.36 10.29 -19.27
N GLY D 30 6.59 9.93 -19.55
CA GLY D 30 7.15 8.73 -18.96
C GLY D 30 6.66 7.48 -19.67
N LYS D 31 6.76 6.36 -18.98
CA LYS D 31 6.43 5.06 -19.56
C LYS D 31 5.56 4.28 -18.60
N LEU D 32 4.89 3.26 -19.13
CA LEU D 32 4.29 2.18 -18.38
C LEU D 32 5.26 1.01 -18.41
N HIS D 33 5.33 0.26 -17.33
CA HIS D 33 6.30 -0.84 -17.25
C HIS D 33 5.73 -2.02 -16.49
N ALA D 34 6.47 -3.12 -16.50
CA ALA D 34 6.08 -4.36 -15.87
C ALA D 34 6.32 -4.30 -14.37
N ASP D 35 5.61 -5.16 -13.65
CA ASP D 35 5.69 -5.17 -12.19
C ASP D 35 7.13 -5.36 -11.76
N GLY D 36 7.65 -4.45 -10.94
CA GLY D 36 8.99 -4.56 -10.42
C GLY D 36 10.09 -4.42 -11.44
N ASP D 37 9.84 -3.85 -12.61
CA ASP D 37 10.93 -3.67 -13.59
C ASP D 37 10.68 -2.47 -14.51
N LYS D 38 11.27 -1.35 -14.13
CA LYS D 38 11.11 -0.11 -14.86
C LYS D 38 11.71 -0.16 -16.26
N ASP D 39 12.65 -1.08 -16.49
CA ASP D 39 13.27 -1.21 -17.81
C ASP D 39 12.46 -2.11 -18.77
N ALA D 40 11.42 -2.80 -18.28
CA ALA D 40 10.57 -3.65 -19.11
C ALA D 40 9.29 -2.87 -19.41
N GLU D 41 9.29 -2.15 -20.53
CA GLU D 41 8.15 -1.33 -20.87
C GLU D 41 7.00 -2.21 -21.32
N VAL D 42 5.78 -1.74 -21.04
CA VAL D 42 4.57 -2.43 -21.48
C VAL D 42 3.67 -1.46 -22.21
N SER D 43 2.87 -2.02 -23.10
CA SER D 43 1.91 -1.23 -23.85
C SER D 43 0.64 -1.01 -23.07
N ALA D 44 0.08 0.18 -23.18
CA ALA D 44 -1.23 0.43 -22.62
C ALA D 44 -2.27 -0.52 -23.17
N SER D 45 -2.08 -1.07 -24.37
CA SER D 45 -3.09 -1.92 -24.95
C SER D 45 -3.25 -3.23 -24.21
N ASN D 46 -2.26 -3.61 -23.40
CA ASN D 46 -2.42 -4.78 -22.55
C ASN D 46 -3.51 -4.57 -21.53
N TYR D 47 -3.86 -3.33 -21.21
CA TYR D 47 -4.90 -3.00 -20.25
C TYR D 47 -6.24 -2.65 -20.88
N GLU D 48 -6.30 -2.38 -22.18
CA GLU D 48 -7.50 -1.79 -22.77
C GLU D 48 -8.63 -2.79 -22.69
N GLY D 49 -9.70 -2.39 -22.03
CA GLY D 49 -10.84 -3.25 -21.85
C GLY D 49 -10.68 -4.37 -20.86
N LYS D 50 -9.62 -4.38 -20.06
CA LYS D 50 -9.45 -5.47 -19.10
C LYS D 50 -10.51 -5.38 -17.99
N ILE D 51 -11.07 -6.54 -17.65
CA ILE D 51 -12.04 -6.64 -16.58
C ILE D 51 -11.33 -7.01 -15.30
N VAL D 52 -11.71 -6.35 -14.22
CA VAL D 52 -11.26 -6.68 -12.88
C VAL D 52 -12.48 -7.30 -12.18
N LYS D 53 -12.39 -8.61 -11.95
CA LYS D 53 -13.47 -9.36 -11.34
C LYS D 53 -13.50 -9.14 -9.84
N PRO D 54 -14.58 -9.51 -9.18
CA PRO D 54 -14.65 -9.38 -7.72
C PRO D 54 -13.46 -10.03 -7.03
N ASP D 55 -12.87 -9.29 -6.12
CA ASP D 55 -11.71 -9.66 -5.31
C ASP D 55 -10.38 -9.66 -6.07
N GLU D 56 -10.37 -9.36 -7.35
CA GLU D 56 -9.14 -9.29 -8.12
C GLU D 56 -8.50 -7.92 -8.01
N LYS D 57 -7.21 -7.89 -8.24
CA LYS D 57 -6.44 -6.68 -8.35
C LYS D 57 -5.86 -6.59 -9.76
N LEU D 58 -5.73 -5.37 -10.25
CA LEU D 58 -5.05 -5.07 -11.50
C LEU D 58 -4.02 -4.00 -11.19
N GLN D 59 -2.77 -4.24 -11.54
CA GLN D 59 -1.67 -3.35 -11.20
C GLN D 59 -1.12 -2.66 -12.44
N ILE D 60 -0.98 -1.35 -12.36
CA ILE D 60 -0.39 -0.47 -13.38
C ILE D 60 0.86 0.14 -12.77
N ASN D 61 1.97 0.11 -13.49
CA ASN D 61 3.22 0.69 -13.02
C ASN D 61 3.68 1.73 -14.03
N ALA D 62 3.98 2.94 -13.58
CA ALA D 62 4.42 3.99 -14.48
C ALA D 62 5.62 4.70 -13.85
N SER D 63 6.56 5.10 -14.69
CA SER D 63 7.74 5.80 -14.19
C SER D 63 8.22 6.83 -15.19
N GLY D 64 9.07 7.72 -14.69
CA GLY D 64 9.80 8.63 -15.54
C GLY D 64 10.79 7.91 -16.41
N ARG D 65 11.42 8.69 -17.26
CA ARG D 65 12.34 8.19 -18.26
C ARG D 65 13.69 7.89 -17.65
N SER D 66 14.39 6.93 -18.28
CA SER D 66 15.74 6.56 -17.87
C SER D 66 16.78 7.54 -18.37
N ASP D 67 16.49 8.29 -19.44
CA ASP D 67 17.50 9.09 -20.12
C ASP D 67 17.06 10.53 -20.34
N ALA D 68 16.01 10.98 -19.65
CA ALA D 68 15.54 12.35 -19.80
C ALA D 68 14.94 12.79 -18.48
N ALA D 69 14.95 14.11 -18.27
CA ALA D 69 14.43 14.71 -17.05
C ALA D 69 12.91 14.86 -17.21
N GLU D 70 12.23 13.72 -17.14
CA GLU D 70 10.80 13.60 -17.49
C GLU D 70 10.19 12.62 -16.51
N GLY D 71 9.16 13.07 -15.79
CA GLY D 71 8.44 12.24 -14.84
C GLY D 71 7.35 11.43 -15.50
N THR D 72 6.33 11.09 -14.73
CA THR D 72 5.26 10.21 -15.18
C THR D 72 3.92 10.91 -15.02
N THR D 73 3.12 10.93 -16.10
CA THR D 73 1.81 11.57 -16.13
C THR D 73 0.88 10.71 -16.97
N GLY D 74 -0.36 10.54 -16.54
CA GLY D 74 -1.25 9.71 -17.32
C GLY D 74 -2.69 9.81 -16.87
N THR D 75 -3.55 9.11 -17.62
CA THR D 75 -4.98 9.05 -17.36
C THR D 75 -5.49 7.64 -17.64
N PHE D 76 -6.66 7.35 -17.07
CA PHE D 76 -7.45 6.20 -17.49
C PHE D 76 -8.87 6.41 -16.99
N ASP D 77 -9.77 5.58 -17.50
CA ASP D 77 -11.14 5.49 -17.04
C ASP D 77 -11.46 4.11 -16.49
N LEU D 78 -12.34 4.08 -15.50
CA LEU D 78 -13.06 2.86 -15.15
C LEU D 78 -14.48 3.01 -15.68
N VAL D 79 -15.01 1.91 -16.20
CA VAL D 79 -16.35 1.86 -16.79
C VAL D 79 -17.05 0.59 -16.31
N ASP D 80 -18.39 0.59 -16.45
CA ASP D 80 -19.23 -0.49 -15.95
C ASP D 80 -19.66 -1.40 -17.09
N PRO D 81 -19.07 -2.59 -17.20
CA PRO D 81 -19.39 -3.48 -18.33
C PRO D 81 -20.82 -4.00 -18.31
N ALA D 82 -21.52 -3.97 -17.18
CA ALA D 82 -22.92 -4.41 -17.13
C ALA D 82 -23.87 -3.35 -17.65
N ASP D 83 -23.43 -2.12 -17.74
CA ASP D 83 -24.24 -0.95 -18.06
C ASP D 83 -23.71 -0.32 -19.35
N GLY D 84 -23.40 -1.14 -20.35
CA GLY D 84 -22.93 -0.63 -21.63
C GLY D 84 -21.62 0.14 -21.56
N ASP D 85 -20.71 -0.26 -20.67
CA ASP D 85 -19.45 0.46 -20.46
C ASP D 85 -19.70 1.91 -20.05
N LYS D 86 -20.75 2.12 -19.27
CA LYS D 86 -21.01 3.44 -18.72
C LYS D 86 -19.83 3.89 -17.87
N GLN D 87 -19.44 5.15 -18.04
CA GLN D 87 -18.34 5.72 -17.27
C GLN D 87 -18.59 5.62 -15.76
N VAL D 88 -17.57 5.20 -15.02
CA VAL D 88 -17.60 5.15 -13.57
C VAL D 88 -16.83 6.34 -13.01
N ARG D 89 -15.52 6.39 -13.25
CA ARG D 89 -14.71 7.55 -12.88
C ARG D 89 -13.55 7.70 -13.85
N HIS D 90 -13.06 8.93 -13.94
CA HIS D 90 -11.84 9.28 -14.65
C HIS D 90 -10.72 9.49 -13.63
N PHE D 91 -9.50 9.14 -14.03
CA PHE D 91 -8.31 9.18 -13.19
C PHE D 91 -7.20 9.91 -13.90
N TYR D 92 -6.48 10.75 -13.16
CA TYR D 92 -5.32 11.49 -13.65
C TYR D 92 -4.22 11.40 -12.61
N TRP D 93 -3.00 11.08 -13.05
CA TRP D 93 -1.84 11.12 -12.18
C TRP D 93 -0.76 12.00 -12.78
N ASP D 94 0.04 12.59 -11.89
CA ASP D 94 1.21 13.35 -12.29
C ASP D 94 2.26 13.31 -11.18
N SER D 95 3.43 12.74 -11.51
CA SER D 95 4.60 12.77 -10.63
C SER D 95 5.71 13.43 -11.44
N PRO D 96 5.75 14.76 -11.44
CA PRO D 96 6.63 15.47 -12.38
C PRO D 96 8.07 15.46 -11.91
N TRP D 97 8.96 15.55 -12.89
CA TRP D 97 10.35 15.77 -12.59
C TRP D 97 10.50 17.14 -11.96
N GLY D 98 11.22 17.23 -10.88
CA GLY D 98 11.45 18.53 -10.29
C GLY D 98 10.63 18.76 -9.05
N SER D 99 10.58 20.02 -8.64
CA SER D 99 10.01 20.39 -7.35
C SER D 99 8.48 20.43 -7.36
N LYS D 100 7.85 20.43 -8.53
CA LYS D 100 6.40 20.48 -8.59
C LYS D 100 5.83 19.31 -7.80
N THR D 101 4.88 19.59 -6.90
CA THR D 101 4.23 18.54 -6.12
C THR D 101 3.45 17.60 -7.04
N ASN D 102 3.15 16.43 -6.53
CA ASN D 102 2.44 15.42 -7.32
C ASN D 102 0.94 15.66 -7.25
N THR D 103 0.23 15.15 -8.26
CA THR D 103 -1.22 15.22 -8.36
C THR D 103 -1.80 13.83 -8.59
N TRP D 104 -2.91 13.55 -7.91
CA TRP D 104 -3.71 12.36 -8.15
C TRP D 104 -5.16 12.79 -8.06
N THR D 105 -5.88 12.72 -9.18
CA THR D 105 -7.23 13.27 -9.23
C THR D 105 -8.20 12.24 -9.79
N VAL D 106 -9.25 11.98 -9.03
CA VAL D 106 -10.35 11.13 -9.42
C VAL D 106 -11.56 12.03 -9.65
N SER D 107 -12.27 11.82 -10.74
CA SER D 107 -13.40 12.68 -11.05
C SER D 107 -14.52 11.86 -11.68
N GLY D 108 -15.72 12.43 -11.64
CA GLY D 108 -16.88 11.86 -12.30
C GLY D 108 -17.94 11.46 -11.31
N SER D 109 -19.11 11.20 -11.85
CA SER D 109 -20.34 10.96 -11.11
C SER D 109 -20.94 9.72 -11.74
N ASN D 110 -20.96 8.65 -11.00
CA ASN D 110 -21.79 7.50 -11.29
C ASN D 110 -22.16 6.99 -9.91
N THR D 111 -23.39 7.29 -9.49
CA THR D 111 -23.79 7.02 -8.12
C THR D 111 -24.06 5.56 -7.87
N LYS D 112 -24.00 4.71 -8.90
CA LYS D 112 -24.08 3.29 -8.63
C LYS D 112 -22.79 2.72 -8.08
N TRP D 113 -21.69 3.49 -8.12
CA TRP D 113 -20.38 3.00 -7.72
C TRP D 113 -19.81 3.84 -6.60
N MET D 114 -19.05 3.18 -5.74
CA MET D 114 -18.24 3.81 -4.72
C MET D 114 -16.78 3.50 -5.03
N ILE D 115 -15.96 4.54 -4.95
CA ILE D 115 -14.55 4.45 -5.26
C ILE D 115 -13.76 5.09 -4.12
N GLU D 116 -12.85 4.34 -3.53
CA GLU D 116 -12.02 4.84 -2.44
C GLU D 116 -10.55 4.63 -2.79
N TYR D 117 -9.72 5.64 -2.54
CA TYR D 117 -8.31 5.51 -2.82
C TYR D 117 -7.44 6.01 -1.67
N SER D 118 -6.22 5.49 -1.61
CA SER D 118 -5.26 5.91 -0.60
C SER D 118 -3.87 5.52 -1.06
N GLY D 119 -2.87 6.10 -0.39
CA GLY D 119 -1.46 5.82 -0.58
C GLY D 119 -0.69 6.90 -1.30
N GLN D 120 -1.37 7.81 -1.98
CA GLN D 120 -0.69 8.84 -2.77
C GLN D 120 0.19 9.72 -1.89
N ASN D 121 1.35 10.01 -2.41
CA ASN D 121 2.27 10.95 -1.80
C ASN D 121 2.20 12.24 -2.60
N LEU D 122 1.69 13.28 -1.99
CA LEU D 122 1.43 14.53 -2.69
C LEU D 122 2.56 15.52 -2.56
N ASP D 123 3.63 15.14 -1.89
CA ASP D 123 4.71 16.07 -1.66
C ASP D 123 5.81 15.82 -2.68
N SER D 124 7.04 16.16 -2.31
CA SER D 124 8.19 15.91 -3.13
C SER D 124 8.43 14.42 -3.26
N GLY D 125 8.74 13.99 -4.47
CA GLY D 125 9.20 12.64 -4.72
C GLY D 125 8.18 11.84 -5.50
N ALA D 126 8.28 10.52 -5.40
CA ALA D 126 7.39 9.64 -6.15
C ALA D 126 5.96 9.73 -5.63
N LEU D 127 4.99 9.54 -6.52
CA LEU D 127 3.60 9.43 -6.07
C LEU D 127 3.40 8.21 -5.20
N GLY D 128 4.13 7.13 -5.46
CA GLY D 128 4.03 5.98 -4.59
C GLY D 128 3.00 4.96 -5.06
N THR D 129 2.54 4.14 -4.13
CA THR D 129 1.59 3.06 -4.39
C THR D 129 0.20 3.51 -3.99
N ILE D 130 -0.68 3.66 -4.99
CA ILE D 130 -2.05 4.11 -4.79
C ILE D 130 -2.98 2.92 -5.01
N THR D 131 -3.77 2.61 -4.00
CA THR D 131 -4.74 1.55 -4.10
C THR D 131 -6.12 2.16 -4.28
N VAL D 132 -6.82 1.70 -5.29
CA VAL D 132 -8.16 2.16 -5.64
C VAL D 132 -9.14 1.00 -5.44
N ASP D 133 -9.96 1.09 -4.41
CA ASP D 133 -10.98 0.08 -4.16
C ASP D 133 -12.26 0.48 -4.89
N THR D 134 -12.87 -0.48 -5.58
CA THR D 134 -14.08 -0.22 -6.37
C THR D 134 -15.22 -1.10 -5.87
N LEU D 135 -16.41 -0.53 -5.74
CA LEU D 135 -17.57 -1.29 -5.29
C LEU D 135 -18.81 -0.79 -6.01
N LYS D 136 -19.53 -1.68 -6.67
CA LYS D 136 -20.84 -1.32 -7.19
C LYS D 136 -21.87 -1.49 -6.08
N LYS D 137 -22.58 -0.42 -5.78
CA LYS D 137 -23.59 -0.38 -4.72
C LYS D 137 -24.83 -1.15 -5.12
NA NA E . 15.18 6.74 6.06
C1 EDO F . 4.99 -9.51 -2.67
O1 EDO F . 4.56 -10.89 -2.74
C2 EDO F . 3.82 -8.64 -3.05
O2 EDO F . 2.89 -8.85 -1.97
C1 EDO G . -4.73 4.10 4.64
O1 EDO G . -4.58 5.51 4.49
C2 EDO G . -3.60 3.59 5.51
O2 EDO G . -2.68 4.66 5.71
C1 EDO H . 0.18 -8.42 -0.46
O1 EDO H . -0.99 -7.82 0.14
C2 EDO H . 1.42 -8.01 0.31
O2 EDO H . 0.97 -7.75 1.63
NA NA I . -5.05 28.24 0.56
C1 EDO J . -7.96 5.92 3.96
O1 EDO J . -8.24 4.55 4.23
C2 EDO J . -8.99 6.46 2.98
O2 EDO J . -10.30 6.37 3.56
C1 EDO K . -25.21 -2.38 2.82
O1 EDO K . -26.51 -2.47 3.40
C2 EDO K . -24.80 -0.91 2.64
O2 EDO K . -24.53 -0.28 3.89
NA NA L . 27.07 -7.92 -2.93
C1 EDO M . 9.05 -6.71 -1.95
O1 EDO M . 10.15 -7.64 -2.10
C2 EDO M . 7.82 -7.37 -1.35
O2 EDO M . 8.03 -7.71 0.01
C1 EDO N . -1.65 -24.31 -18.64
O1 EDO N . -2.12 -25.47 -17.95
C2 EDO N . -0.16 -24.10 -18.34
O2 EDO N . 0.42 -25.37 -17.97
C1 EDO O . 3.17 -5.18 -4.36
O1 EDO O . 4.09 -5.91 -5.17
C2 EDO O . 2.46 -4.22 -5.29
O2 EDO O . 3.44 -3.26 -5.69
C1 EDO P . 23.79 -5.69 -11.73
O1 EDO P . 24.49 -5.92 -10.50
C2 EDO P . 22.64 -4.71 -11.51
O2 EDO P . 23.15 -3.40 -11.27
NA NA Q . 7.31 15.17 -7.95
C1 EDO R . -1.41 11.81 2.58
O1 EDO R . -0.03 11.49 2.35
C2 EDO R . -2.19 11.66 1.28
O2 EDO R . -2.14 10.31 0.88
C1 EDO S . -14.51 10.86 -6.54
O1 EDO S . -14.65 9.49 -6.91
C2 EDO S . -14.79 11.76 -7.74
O2 EDO S . -16.19 11.92 -7.92
#